data_3PS4
#
_entry.id   3PS4
#
_cell.length_a   62.100
_cell.length_b   79.326
_cell.length_c   82.856
_cell.angle_alpha   90.00
_cell.angle_beta   90.00
_cell.angle_gamma   90.00
#
_symmetry.space_group_name_H-M   'P 21 21 21'
#
loop_
_entity.id
_entity.type
_entity.pdbx_description
1 polymer 'Microtubule-associated serine/threonine-protein kinase 1'
2 non-polymer 1,2-ETHANEDIOL
3 non-polymer IMIDAZOLE
4 water water
#
_entity_poly.entity_id   1
_entity_poly.type   'polypeptide(L)'
_entity_poly.pdbx_seq_one_letter_code
;YFQSMRSPITIQRSGKKYGFTLRAIRVYMGDTDVYSVHHIVWHVEEGGPAQEAGLCAGDLITHVNGEPVHGMVHPEVVEL
ILKSGNKVAVTTTPFENTQSLV
;
_entity_poly.pdbx_strand_id   A,B,C,D
#
loop_
_chem_comp.id
_chem_comp.type
_chem_comp.name
_chem_comp.formula
EDO non-polymer 1,2-ETHANEDIOL 'C2 H6 O2'
IMD non-polymer IMIDAZOLE 'C3 H5 N2 1'
#
# COMPACT_ATOMS: atom_id res chain seq x y z
N SER A 7 -0.73 -17.02 1.07
CA SER A 7 -0.39 -17.79 2.26
C SER A 7 -0.88 -17.08 3.54
N PRO A 8 -1.40 -17.83 4.54
CA PRO A 8 -1.93 -17.16 5.74
C PRO A 8 -0.85 -16.56 6.63
N ILE A 9 -1.24 -15.53 7.39
CA ILE A 9 -0.39 -14.88 8.37
C ILE A 9 -0.66 -15.61 9.70
N THR A 10 0.39 -16.17 10.31
CA THR A 10 0.24 -16.88 11.60
CA THR A 10 0.28 -16.88 11.59
C THR A 10 0.65 -15.92 12.69
N ILE A 11 -0.25 -15.72 13.65
CA ILE A 11 -0.03 -14.81 14.78
C ILE A 11 -0.06 -15.62 16.05
N GLN A 12 0.84 -15.30 16.97
CA GLN A 12 0.91 -15.93 18.27
C GLN A 12 0.83 -14.85 19.34
N ARG A 13 0.00 -15.05 20.35
CA ARG A 13 -0.12 -14.10 21.44
C ARG A 13 0.33 -14.71 22.78
N SER A 14 0.97 -13.92 23.64
CA SER A 14 1.39 -14.33 24.99
C SER A 14 0.46 -13.70 26.01
N GLY A 15 -0.29 -12.69 25.57
CA GLY A 15 -1.30 -12.04 26.41
C GLY A 15 -2.69 -12.41 25.94
N LYS A 16 -3.69 -11.69 26.44
CA LYS A 16 -5.09 -11.97 26.11
C LYS A 16 -5.47 -11.67 24.67
N LYS A 17 -4.83 -10.68 24.01
CA LYS A 17 -5.27 -10.27 22.67
C LYS A 17 -4.16 -10.24 21.64
N TYR A 18 -4.57 -10.34 20.36
CA TYR A 18 -3.66 -10.33 19.23
C TYR A 18 -3.19 -8.92 18.87
N GLY A 19 -3.88 -7.91 19.38
CA GLY A 19 -3.48 -6.54 19.08
C GLY A 19 -3.92 -6.04 17.71
N PHE A 20 -5.13 -6.42 17.29
CA PHE A 20 -5.76 -5.88 16.09
C PHE A 20 -7.26 -5.76 16.34
N THR A 21 -7.85 -4.81 15.63
CA THR A 21 -9.28 -4.49 15.72
C THR A 21 -9.95 -4.89 14.45
N LEU A 22 -11.07 -5.58 14.57
CA LEU A 22 -11.87 -5.94 13.41
C LEU A 22 -13.15 -5.10 13.29
N ARG A 23 -13.54 -4.76 12.06
CA ARG A 23 -14.82 -4.12 11.76
C ARG A 23 -15.42 -4.86 10.57
N ALA A 24 -16.74 -4.76 10.43
CA ALA A 24 -17.47 -5.31 9.27
C ALA A 24 -17.86 -4.15 8.39
N ILE A 25 -17.65 -4.27 7.09
CA ILE A 25 -17.97 -3.18 6.17
C ILE A 25 -18.87 -3.69 5.05
N ARG A 26 -19.77 -2.82 4.59
CA ARG A 26 -20.66 -3.11 3.46
C ARG A 26 -20.03 -2.60 2.18
N VAL A 27 -19.93 -3.46 1.18
CA VAL A 27 -19.37 -3.09 -0.12
C VAL A 27 -20.52 -3.13 -1.12
N TYR A 28 -21.01 -1.95 -1.52
CA TYR A 28 -22.13 -1.81 -2.44
C TYR A 28 -21.71 -1.94 -3.90
N MET A 29 -22.60 -2.50 -4.72
N MET A 29 -22.62 -2.48 -4.72
CA MET A 29 -22.34 -2.70 -6.14
CA MET A 29 -22.41 -2.71 -6.14
C MET A 29 -22.84 -1.53 -6.96
C MET A 29 -22.86 -1.51 -6.96
N GLY A 30 -21.90 -0.83 -7.58
CA GLY A 30 -22.16 0.31 -8.47
C GLY A 30 -23.04 1.40 -7.88
N ASP A 31 -24.20 1.65 -8.51
CA ASP A 31 -25.20 2.65 -8.11
C ASP A 31 -26.39 1.98 -7.38
N THR A 32 -26.31 0.67 -7.09
CA THR A 32 -27.42 -0.10 -6.49
C THR A 32 -27.34 -0.20 -4.95
N ASP A 33 -28.41 -0.75 -4.35
CA ASP A 33 -28.48 -1.02 -2.91
C ASP A 33 -28.08 -2.48 -2.62
N VAL A 34 -27.43 -3.13 -3.60
CA VAL A 34 -26.91 -4.48 -3.46
C VAL A 34 -25.52 -4.39 -2.82
N TYR A 35 -25.26 -5.17 -1.75
CA TYR A 35 -23.94 -5.16 -1.10
C TYR A 35 -23.52 -6.53 -0.57
N SER A 36 -22.21 -6.67 -0.30
CA SER A 36 -21.62 -7.84 0.34
C SER A 36 -20.86 -7.36 1.59
N VAL A 37 -20.83 -8.19 2.65
CA VAL A 37 -20.16 -7.88 3.91
C VAL A 37 -18.71 -8.39 3.90
N HIS A 38 -17.76 -7.53 4.28
CA HIS A 38 -16.35 -7.86 4.33
C HIS A 38 -15.82 -7.52 5.71
N HIS A 39 -14.74 -8.21 6.12
CA HIS A 39 -14.13 -8.06 7.44
C HIS A 39 -12.78 -7.40 7.33
N ILE A 40 -12.70 -6.17 7.80
CA ILE A 40 -11.50 -5.37 7.67
C ILE A 40 -10.74 -5.26 8.98
N VAL A 41 -9.41 -5.29 8.87
CA VAL A 41 -8.50 -5.01 9.95
C VAL A 41 -8.46 -3.50 10.06
N TRP A 42 -9.16 -2.96 11.03
CA TRP A 42 -9.33 -1.53 11.21
C TRP A 42 -8.14 -0.88 11.89
N HIS A 43 -7.47 -1.60 12.77
CA HIS A 43 -6.32 -1.07 13.50
C HIS A 43 -5.42 -2.19 13.90
N VAL A 44 -4.10 -1.94 13.87
CA VAL A 44 -3.09 -2.90 14.30
C VAL A 44 -2.26 -2.16 15.34
N GLU A 45 -2.14 -2.73 16.55
CA GLU A 45 -1.39 -2.03 17.59
C GLU A 45 0.10 -2.12 17.36
N GLU A 46 0.80 -0.98 17.36
CA GLU A 46 2.25 -0.95 17.18
C GLU A 46 2.91 -1.73 18.31
N GLY A 47 3.80 -2.67 17.97
CA GLY A 47 4.51 -3.51 18.93
C GLY A 47 3.72 -4.70 19.44
N GLY A 48 2.52 -4.91 18.91
CA GLY A 48 1.71 -6.04 19.33
C GLY A 48 1.99 -7.26 18.46
N PRO A 49 1.41 -8.42 18.85
CA PRO A 49 1.64 -9.66 18.06
C PRO A 49 1.24 -9.58 16.58
N ALA A 50 0.06 -8.97 16.26
CA ALA A 50 -0.41 -8.87 14.87
C ALA A 50 0.55 -8.03 14.01
N GLN A 51 1.03 -6.91 14.57
CA GLN A 51 2.00 -6.06 13.85
C GLN A 51 3.28 -6.84 13.53
N GLU A 52 3.83 -7.55 14.53
CA GLU A 52 5.05 -8.34 14.38
C GLU A 52 4.87 -9.48 13.35
N ALA A 53 3.65 -10.03 13.23
CA ALA A 53 3.36 -11.11 12.28
C ALA A 53 3.18 -10.60 10.82
N GLY A 54 3.02 -9.30 10.65
CA GLY A 54 2.87 -8.69 9.33
C GLY A 54 1.46 -8.25 8.97
N LEU A 55 0.53 -8.25 9.94
CA LEU A 55 -0.84 -7.81 9.67
C LEU A 55 -0.87 -6.28 9.59
N CYS A 56 -1.63 -5.74 8.61
CA CYS A 56 -1.71 -4.29 8.37
C CYS A 56 -3.13 -3.79 8.42
N ALA A 57 -3.35 -2.57 8.92
CA ALA A 57 -4.66 -1.95 8.93
C ALA A 57 -5.08 -1.71 7.47
N GLY A 58 -6.29 -2.12 7.12
CA GLY A 58 -6.79 -2.03 5.75
C GLY A 58 -6.85 -3.40 5.09
N ASP A 59 -6.12 -4.40 5.66
CA ASP A 59 -6.20 -5.79 5.17
C ASP A 59 -7.62 -6.27 5.31
N LEU A 60 -8.06 -7.12 4.39
CA LEU A 60 -9.38 -7.77 4.51
C LEU A 60 -9.13 -9.20 4.88
N ILE A 61 -9.86 -9.74 5.86
CA ILE A 61 -9.69 -11.13 6.28
C ILE A 61 -10.67 -12.01 5.50
N THR A 62 -10.17 -13.03 4.80
CA THR A 62 -11.02 -13.94 4.01
C THR A 62 -11.18 -15.29 4.70
N HIS A 63 -10.19 -15.68 5.54
CA HIS A 63 -10.22 -16.98 6.24
C HIS A 63 -9.61 -16.90 7.61
N VAL A 64 -10.11 -17.71 8.55
CA VAL A 64 -9.56 -17.86 9.90
C VAL A 64 -9.31 -19.36 10.06
N ASN A 65 -8.03 -19.76 10.19
CA ASN A 65 -7.57 -21.15 10.27
C ASN A 65 -8.13 -21.97 9.09
N GLY A 66 -8.07 -21.38 7.89
CA GLY A 66 -8.53 -22.02 6.65
C GLY A 66 -10.02 -22.03 6.41
N GLU A 67 -10.81 -21.54 7.39
CA GLU A 67 -12.28 -21.51 7.32
C GLU A 67 -12.73 -20.18 6.69
N PRO A 68 -13.46 -20.20 5.55
CA PRO A 68 -13.87 -18.93 4.91
C PRO A 68 -14.86 -18.14 5.77
N VAL A 69 -14.70 -16.82 5.80
CA VAL A 69 -15.56 -15.94 6.62
C VAL A 69 -16.61 -15.22 5.76
N HIS A 70 -16.71 -15.60 4.46
CA HIS A 70 -17.77 -15.12 3.60
C HIS A 70 -19.09 -15.70 4.15
N GLY A 71 -20.09 -14.86 4.28
CA GLY A 71 -21.35 -15.34 4.85
C GLY A 71 -21.39 -15.27 6.36
N MET A 72 -20.26 -14.89 7.02
CA MET A 72 -20.27 -14.73 8.49
C MET A 72 -20.43 -13.28 8.89
N VAL A 73 -21.11 -13.05 10.01
CA VAL A 73 -21.28 -11.71 10.58
C VAL A 73 -20.11 -11.42 11.52
N HIS A 74 -19.89 -10.15 11.84
CA HIS A 74 -18.80 -9.70 12.71
C HIS A 74 -18.65 -10.55 14.01
N PRO A 75 -19.69 -10.78 14.88
CA PRO A 75 -19.44 -11.54 16.13
C PRO A 75 -19.04 -13.00 15.89
N GLU A 76 -19.42 -13.58 14.74
CA GLU A 76 -19.03 -14.96 14.40
C GLU A 76 -17.54 -15.02 14.06
N VAL A 77 -17.02 -14.01 13.34
CA VAL A 77 -15.59 -13.97 12.99
C VAL A 77 -14.77 -13.76 14.27
N VAL A 78 -15.23 -12.88 15.16
CA VAL A 78 -14.58 -12.61 16.46
C VAL A 78 -14.51 -13.92 17.27
N GLU A 79 -15.61 -14.69 17.27
CA GLU A 79 -15.71 -15.98 17.98
C GLU A 79 -14.72 -17.02 17.40
N LEU A 80 -14.54 -17.06 16.06
CA LEU A 80 -13.54 -17.96 15.42
C LEU A 80 -12.14 -17.65 15.93
N ILE A 81 -11.81 -16.35 16.00
CA ILE A 81 -10.49 -15.92 16.47
C ILE A 81 -10.35 -16.27 17.97
N LEU A 82 -11.39 -16.01 18.77
CA LEU A 82 -11.37 -16.31 20.20
C LEU A 82 -11.16 -17.82 20.47
N LYS A 83 -11.89 -18.69 19.75
CA LYS A 83 -11.84 -20.14 19.96
C LYS A 83 -10.52 -20.76 19.44
N SER A 84 -9.76 -19.98 18.65
CA SER A 84 -8.47 -20.43 18.11
C SER A 84 -7.39 -20.48 19.22
N GLY A 85 -7.65 -19.81 20.33
CA GLY A 85 -6.68 -19.75 21.40
C GLY A 85 -5.52 -18.82 21.08
N ASN A 86 -4.33 -19.14 21.61
CA ASN A 86 -3.12 -18.30 21.56
C ASN A 86 -2.35 -18.32 20.23
N LYS A 87 -2.87 -19.04 19.22
CA LYS A 87 -2.29 -19.08 17.87
C LYS A 87 -3.43 -19.02 16.88
N VAL A 88 -3.30 -18.21 15.82
CA VAL A 88 -4.36 -18.10 14.81
C VAL A 88 -3.70 -17.89 13.44
N ALA A 89 -4.28 -18.47 12.39
CA ALA A 89 -3.80 -18.30 11.03
C ALA A 89 -4.87 -17.51 10.28
N VAL A 90 -4.52 -16.32 9.80
CA VAL A 90 -5.50 -15.48 9.10
C VAL A 90 -5.08 -15.29 7.65
N THR A 91 -6.01 -15.57 6.73
CA THR A 91 -5.78 -15.37 5.31
C THR A 91 -6.33 -14.01 4.99
N THR A 92 -5.52 -13.19 4.35
CA THR A 92 -5.92 -11.84 4.01
C THR A 92 -5.78 -11.56 2.51
N THR A 93 -6.36 -10.44 2.08
CA THR A 93 -6.13 -9.85 0.78
C THR A 93 -5.42 -8.52 1.12
N PRO A 94 -4.45 -8.11 0.29
CA PRO A 94 -3.62 -6.92 0.62
C PRO A 94 -4.30 -5.58 0.90
N PHE A 95 -3.70 -4.83 1.85
CA PHE A 95 -4.08 -3.45 2.12
C PHE A 95 -3.35 -2.59 1.09
N GLU A 96 -3.69 -1.30 1.03
CA GLU A 96 -3.02 -0.38 0.15
C GLU A 96 -2.77 0.86 0.94
N ASN A 97 -1.51 1.25 1.17
CA ASN A 97 -1.31 2.49 1.90
C ASN A 97 -1.48 3.66 0.90
N THR A 98 -2.67 3.69 0.25
CA THR A 98 -3.12 4.70 -0.74
C THR A 98 -4.17 5.57 -0.06
N GLN A 99 -3.76 6.75 0.39
CA GLN A 99 -4.68 7.67 1.03
C GLN A 99 -4.37 9.12 0.69
N SER A 100 -5.37 9.95 0.77
CA SER A 100 -5.26 11.37 0.53
C SER A 100 -6.12 12.14 1.49
N LEU A 101 -5.61 13.30 1.93
CA LEU A 101 -6.31 14.23 2.78
C LEU A 101 -7.15 15.09 1.87
N VAL A 102 -8.46 15.04 2.03
CA VAL A 102 -9.38 15.77 1.14
C VAL A 102 -10.24 16.76 1.97
N ARG B 6 7.80 -6.99 11.82
CA ARG B 6 9.18 -7.11 12.27
C ARG B 6 9.64 -8.57 12.36
N SER B 7 8.72 -9.55 12.46
CA SER B 7 9.20 -10.93 12.45
C SER B 7 9.77 -11.26 11.02
N PRO B 8 10.88 -12.01 10.92
CA PRO B 8 11.41 -12.33 9.59
C PRO B 8 10.50 -13.29 8.80
N ILE B 9 10.64 -13.24 7.48
CA ILE B 9 9.95 -14.13 6.54
C ILE B 9 10.90 -15.30 6.32
N THR B 10 10.45 -16.52 6.63
CA THR B 10 11.27 -17.71 6.42
C THR B 10 10.89 -18.32 5.10
N ILE B 11 11.87 -18.53 4.24
CA ILE B 11 11.66 -19.11 2.91
C ILE B 11 12.40 -20.42 2.83
N GLN B 12 11.75 -21.43 2.27
CA GLN B 12 12.33 -22.76 2.11
C GLN B 12 12.26 -23.14 0.66
N ARG B 13 13.37 -23.60 0.09
CA ARG B 13 13.40 -24.01 -1.31
C ARG B 13 13.68 -25.50 -1.46
N SER B 14 13.04 -26.14 -2.46
CA SER B 14 13.22 -27.56 -2.81
C SER B 14 14.14 -27.68 -4.02
N GLY B 15 14.24 -26.60 -4.79
CA GLY B 15 15.11 -26.51 -5.95
C GLY B 15 16.29 -25.61 -5.67
N LYS B 16 17.00 -25.22 -6.73
CA LYS B 16 18.20 -24.38 -6.62
C LYS B 16 17.94 -22.96 -6.14
N LYS B 17 16.77 -22.36 -6.45
CA LYS B 17 16.55 -20.95 -6.10
C LYS B 17 15.27 -20.68 -5.31
N TYR B 18 15.27 -19.57 -4.59
CA TYR B 18 14.15 -19.11 -3.78
C TYR B 18 13.04 -18.48 -4.63
N GLY B 19 13.33 -18.13 -5.87
CA GLY B 19 12.32 -17.54 -6.73
C GLY B 19 12.06 -16.07 -6.49
N PHE B 20 13.13 -15.30 -6.19
CA PHE B 20 13.04 -13.83 -6.12
C PHE B 20 14.32 -13.23 -6.67
N THR B 21 14.21 -12.00 -7.15
CA THR B 21 15.31 -11.25 -7.74
C THR B 21 15.62 -10.09 -6.86
N LEU B 22 16.91 -9.92 -6.57
CA LEU B 22 17.39 -8.81 -5.78
C LEU B 22 18.07 -7.76 -6.65
N ARG B 23 17.81 -6.47 -6.40
CA ARG B 23 18.51 -5.34 -7.00
C ARG B 23 18.98 -4.43 -5.89
N ALA B 24 19.99 -3.62 -6.15
CA ALA B 24 20.50 -2.65 -5.18
C ALA B 24 20.10 -1.27 -5.66
N ILE B 25 19.68 -0.42 -4.74
CA ILE B 25 19.32 0.95 -5.10
C ILE B 25 20.15 1.92 -4.23
N ARG B 26 20.59 3.01 -4.84
CA ARG B 26 21.36 4.05 -4.15
C ARG B 26 20.42 5.15 -3.73
N VAL B 27 20.43 5.48 -2.46
CA VAL B 27 19.60 6.56 -1.95
C VAL B 27 20.56 7.70 -1.54
N TYR B 28 20.63 8.79 -2.34
CA TYR B 28 21.54 9.90 -2.08
C TYR B 28 21.00 10.85 -1.01
N MET B 29 21.92 11.49 -0.24
CA MET B 29 21.57 12.43 0.84
C MET B 29 21.62 13.85 0.31
N GLY B 30 20.44 14.44 0.11
CA GLY B 30 20.26 15.80 -0.38
C GLY B 30 20.84 16.01 -1.77
N ASP B 31 21.73 17.00 -1.90
CA ASP B 31 22.39 17.32 -3.17
C ASP B 31 23.87 16.88 -3.16
N THR B 32 24.24 15.98 -2.23
CA THR B 32 25.62 15.48 -2.10
C THR B 32 25.83 14.17 -2.88
N ASP B 33 27.09 13.69 -2.94
CA ASP B 33 27.47 12.44 -3.57
C ASP B 33 27.46 11.31 -2.51
N VAL B 34 26.95 11.59 -1.32
CA VAL B 34 26.81 10.62 -0.22
C VAL B 34 25.52 9.82 -0.42
N TYR B 35 25.63 8.50 -0.35
CA TYR B 35 24.45 7.65 -0.52
C TYR B 35 24.50 6.43 0.37
N SER B 36 23.33 5.82 0.58
CA SER B 36 23.23 4.55 1.29
C SER B 36 22.62 3.54 0.32
N VAL B 37 23.08 2.27 0.40
CA VAL B 37 22.65 1.17 -0.47
C VAL B 37 21.51 0.46 0.20
N HIS B 38 20.42 0.24 -0.56
CA HIS B 38 19.28 -0.49 -0.05
C HIS B 38 19.05 -1.66 -1.00
N HIS B 39 18.58 -2.79 -0.44
CA HIS B 39 18.43 -4.04 -1.18
C HIS B 39 16.96 -4.30 -1.37
N ILE B 40 16.52 -4.22 -2.62
CA ILE B 40 15.12 -4.30 -2.98
C ILE B 40 14.78 -5.59 -3.69
N VAL B 41 13.64 -6.13 -3.34
CA VAL B 41 13.09 -7.31 -4.00
C VAL B 41 12.49 -6.77 -5.29
N TRP B 42 13.14 -7.05 -6.40
CA TRP B 42 12.72 -6.53 -7.71
C TRP B 42 11.63 -7.37 -8.40
N HIS B 43 11.61 -8.67 -8.12
CA HIS B 43 10.64 -9.59 -8.71
C HIS B 43 10.48 -10.80 -7.83
N VAL B 44 9.26 -11.32 -7.74
N VAL B 44 9.26 -11.31 -7.72
CA VAL B 44 8.95 -12.56 -7.01
CA VAL B 44 8.98 -12.57 -7.03
C VAL B 44 8.27 -13.45 -8.02
C VAL B 44 8.29 -13.45 -8.05
N GLU B 45 8.79 -14.67 -8.23
CA GLU B 45 8.21 -15.58 -9.22
C GLU B 45 6.90 -16.13 -8.72
N GLU B 46 5.85 -16.00 -9.54
CA GLU B 46 4.53 -16.55 -9.26
C GLU B 46 4.69 -18.04 -9.05
N GLY B 47 4.15 -18.56 -7.94
CA GLY B 47 4.19 -19.99 -7.60
C GLY B 47 5.51 -20.49 -7.04
N GLY B 48 6.44 -19.59 -6.78
CA GLY B 48 7.73 -19.97 -6.24
C GLY B 48 7.76 -19.94 -4.73
N PRO B 49 8.86 -20.44 -4.12
CA PRO B 49 8.97 -20.45 -2.64
C PRO B 49 8.84 -19.07 -1.98
N ALA B 50 9.46 -18.02 -2.53
CA ALA B 50 9.40 -16.66 -1.94
C ALA B 50 7.98 -16.12 -1.94
N GLN B 51 7.24 -16.32 -3.05
CA GLN B 51 5.84 -15.89 -3.14
C GLN B 51 4.99 -16.59 -2.08
N GLU B 52 5.16 -17.91 -1.94
CA GLU B 52 4.43 -18.73 -0.94
C GLU B 52 4.75 -18.27 0.49
N ALA B 53 5.99 -17.85 0.76
CA ALA B 53 6.41 -17.38 2.08
C ALA B 53 5.89 -15.97 2.43
N GLY B 54 5.40 -15.23 1.43
CA GLY B 54 4.85 -13.88 1.63
C GLY B 54 5.74 -12.73 1.19
N LEU B 55 6.85 -13.03 0.50
CA LEU B 55 7.73 -11.98 0.00
C LEU B 55 7.09 -11.30 -1.22
N CYS B 56 7.21 -9.95 -1.31
CA CYS B 56 6.60 -9.16 -2.38
C CYS B 56 7.62 -8.30 -3.09
N ALA B 57 7.44 -8.08 -4.41
CA ALA B 57 8.27 -7.17 -5.19
C ALA B 57 8.08 -5.78 -4.62
N GLY B 58 9.18 -5.11 -4.29
CA GLY B 58 9.11 -3.77 -3.68
C GLY B 58 9.55 -3.81 -2.24
N ASP B 59 9.58 -5.02 -1.62
CA ASP B 59 10.06 -5.17 -0.23
C ASP B 59 11.53 -4.81 -0.17
N LEU B 60 11.96 -4.22 0.95
CA LEU B 60 13.38 -3.92 1.19
C LEU B 60 13.92 -4.87 2.23
N ILE B 61 15.03 -5.57 1.93
CA ILE B 61 15.61 -6.53 2.88
C ILE B 61 16.57 -5.79 3.83
N THR B 62 16.35 -5.90 5.14
CA THR B 62 17.20 -5.24 6.15
C THR B 62 18.13 -6.23 6.83
N HIS B 63 17.73 -7.52 6.88
CA HIS B 63 18.52 -8.58 7.52
C HIS B 63 18.40 -9.89 6.79
N VAL B 64 19.48 -10.69 6.82
CA VAL B 64 19.52 -12.06 6.27
C VAL B 64 19.96 -12.91 7.45
N ASN B 65 19.07 -13.79 7.94
CA ASN B 65 19.30 -14.66 9.10
C ASN B 65 19.74 -13.84 10.34
N GLY B 66 19.09 -12.70 10.55
CA GLY B 66 19.35 -11.80 11.67
C GLY B 66 20.56 -10.88 11.52
N GLU B 67 21.33 -11.05 10.44
CA GLU B 67 22.53 -10.25 10.16
C GLU B 67 22.14 -8.99 9.35
N PRO B 68 22.41 -7.76 9.86
CA PRO B 68 22.02 -6.56 9.11
C PRO B 68 22.80 -6.41 7.80
N VAL B 69 22.12 -5.96 6.75
CA VAL B 69 22.74 -5.83 5.42
C VAL B 69 23.01 -4.35 5.05
N HIS B 70 22.73 -3.36 5.92
CA HIS B 70 22.90 -1.94 5.54
C HIS B 70 24.33 -1.53 5.06
N GLY B 71 25.36 -2.20 5.57
CA GLY B 71 26.73 -1.89 5.15
C GLY B 71 27.27 -2.87 4.13
N MET B 72 26.36 -3.61 3.46
CA MET B 72 26.78 -4.61 2.46
C MET B 72 26.39 -4.24 1.06
N VAL B 73 27.21 -4.64 0.09
CA VAL B 73 26.96 -4.42 -1.34
C VAL B 73 26.13 -5.60 -1.86
N HIS B 74 25.50 -5.43 -3.03
CA HIS B 74 24.65 -6.43 -3.69
C HIS B 74 25.31 -7.85 -3.71
N PRO B 75 26.56 -8.09 -4.22
CA PRO B 75 27.09 -9.47 -4.27
C PRO B 75 27.29 -10.11 -2.89
N GLU B 76 27.51 -9.30 -1.85
CA GLU B 76 27.67 -9.79 -0.48
C GLU B 76 26.31 -10.29 0.07
N VAL B 77 25.22 -9.58 -0.24
CA VAL B 77 23.88 -10.00 0.21
C VAL B 77 23.48 -11.28 -0.53
N VAL B 78 23.79 -11.36 -1.83
CA VAL B 78 23.51 -12.54 -2.66
C VAL B 78 24.27 -13.75 -2.07
N GLU B 79 25.54 -13.56 -1.68
CA GLU B 79 26.40 -14.59 -1.07
C GLU B 79 25.81 -15.07 0.28
N LEU B 80 25.29 -14.16 1.14
CA LEU B 80 24.64 -14.53 2.41
C LEU B 80 23.45 -15.46 2.15
N ILE B 81 22.63 -15.13 1.16
CA ILE B 81 21.47 -15.95 0.80
C ILE B 81 21.95 -17.30 0.24
N LEU B 82 22.96 -17.29 -0.64
CA LEU B 82 23.49 -18.53 -1.22
C LEU B 82 24.04 -19.47 -0.13
N LYS B 83 24.83 -18.95 0.82
CA LYS B 83 25.45 -19.75 1.91
C LYS B 83 24.43 -20.23 2.96
N SER B 84 23.20 -19.69 2.95
CA SER B 84 22.14 -20.08 3.89
C SER B 84 21.59 -21.49 3.62
N GLY B 85 21.81 -22.01 2.42
CA GLY B 85 21.32 -23.32 2.04
C GLY B 85 19.87 -23.27 1.59
N ASN B 86 19.11 -24.33 1.93
CA ASN B 86 17.71 -24.48 1.50
C ASN B 86 16.68 -23.78 2.40
N LYS B 87 17.12 -23.01 3.40
CA LYS B 87 16.25 -22.22 4.28
C LYS B 87 16.94 -20.90 4.54
N VAL B 88 16.18 -19.79 4.47
CA VAL B 88 16.72 -18.46 4.73
C VAL B 88 15.64 -17.63 5.43
N ALA B 89 16.04 -16.81 6.41
CA ALA B 89 15.13 -15.91 7.11
C ALA B 89 15.46 -14.49 6.68
N VAL B 90 14.50 -13.79 6.07
CA VAL B 90 14.79 -12.43 5.63
C VAL B 90 13.90 -11.47 6.40
N THR B 91 14.49 -10.42 6.94
CA THR B 91 13.75 -9.36 7.63
C THR B 91 13.55 -8.28 6.61
N THR B 92 12.31 -7.81 6.47
CA THR B 92 12.01 -6.79 5.47
C THR B 92 11.38 -5.55 6.03
N THR B 93 11.38 -4.51 5.17
CA THR B 93 10.59 -3.30 5.10
C THR B 93 9.56 -3.65 4.04
N PRO B 94 8.38 -4.13 4.45
CA PRO B 94 7.37 -4.56 3.45
C PRO B 94 6.90 -3.40 2.55
N PHE B 95 6.65 -3.73 1.27
CA PHE B 95 6.12 -2.79 0.29
C PHE B 95 4.65 -2.55 0.63
N GLU B 96 4.23 -1.27 0.72
CA GLU B 96 2.88 -0.89 1.17
C GLU B 96 1.86 -0.70 0.05
N ASN B 97 2.16 -1.18 -1.17
CA ASN B 97 1.29 -1.10 -2.35
C ASN B 97 0.88 0.37 -2.68
N THR B 98 1.73 1.35 -2.31
CA THR B 98 1.49 2.77 -2.64
C THR B 98 2.10 3.05 -4.04
N GLN B 99 1.25 3.09 -5.10
CA GLN B 99 1.70 3.32 -6.47
C GLN B 99 0.65 4.03 -7.32
N SER B 100 1.10 4.80 -8.31
CA SER B 100 0.19 5.48 -9.23
C SER B 100 0.73 5.43 -10.65
N LEU B 101 -0.19 5.27 -11.60
CA LEU B 101 0.12 5.29 -13.03
C LEU B 101 0.03 6.74 -13.43
N VAL B 102 1.14 7.31 -13.88
CA VAL B 102 1.20 8.74 -14.23
C VAL B 102 1.59 8.94 -15.70
N SER C 7 21.52 16.06 -15.72
CA SER C 7 20.53 16.83 -16.45
C SER C 7 19.13 16.18 -16.35
N PRO C 8 18.03 16.95 -16.23
CA PRO C 8 16.71 16.33 -16.14
C PRO C 8 16.25 15.69 -17.46
N ILE C 9 15.35 14.71 -17.32
CA ILE C 9 14.74 14.02 -18.44
C ILE C 9 13.43 14.75 -18.73
N THR C 10 13.26 15.25 -19.95
CA THR C 10 12.04 15.95 -20.34
C THR C 10 11.14 14.95 -21.05
N ILE C 11 9.88 14.85 -20.58
CA ILE C 11 8.90 13.95 -21.15
C ILE C 11 7.74 14.75 -21.68
N GLN C 12 7.25 14.39 -22.87
CA GLN C 12 6.10 15.04 -23.49
C GLN C 12 5.04 14.01 -23.79
N ARG C 13 3.79 14.28 -23.39
CA ARG C 13 2.70 13.35 -23.64
C ARG C 13 1.65 13.92 -24.61
N SER C 14 1.04 13.02 -25.41
CA SER C 14 -0.02 13.33 -26.39
C SER C 14 -1.38 13.01 -25.81
N GLY C 15 -1.39 12.06 -24.88
CA GLY C 15 -2.59 11.62 -24.19
C GLY C 15 -2.56 12.05 -22.74
N LYS C 16 -3.34 11.36 -21.91
CA LYS C 16 -3.51 11.69 -20.51
C LYS C 16 -2.31 11.38 -19.64
N LYS C 17 -1.50 10.36 -20.00
CA LYS C 17 -0.41 9.94 -19.13
C LYS C 17 0.97 9.86 -19.78
N TYR C 18 1.99 9.98 -18.94
CA TYR C 18 3.39 9.90 -19.34
C TYR C 18 3.87 8.48 -19.59
N GLY C 19 3.12 7.49 -19.11
CA GLY C 19 3.48 6.10 -19.34
C GLY C 19 4.56 5.57 -18.41
N PHE C 20 4.47 5.92 -17.12
CA PHE C 20 5.34 5.32 -16.11
C PHE C 20 4.56 5.17 -14.81
N THR C 21 4.98 4.20 -14.01
CA THR C 21 4.39 3.89 -12.71
C THR C 21 5.34 4.36 -11.63
N LEU C 22 4.80 5.12 -10.67
CA LEU C 22 5.55 5.65 -9.56
C LEU C 22 5.14 4.96 -8.30
N ARG C 23 6.12 4.47 -7.57
CA ARG C 23 5.90 3.83 -6.26
C ARG C 23 6.64 4.59 -5.18
N ALA C 24 6.11 4.55 -3.96
CA ALA C 24 6.80 5.15 -2.83
C ALA C 24 7.42 4.03 -2.03
N ILE C 25 8.65 4.23 -1.59
CA ILE C 25 9.34 3.25 -0.75
C ILE C 25 9.82 3.97 0.54
N ARG C 26 9.73 3.27 1.67
CA ARG C 26 10.17 3.80 2.96
C ARG C 26 11.59 3.35 3.21
N VAL C 27 12.47 4.28 3.51
CA VAL C 27 13.86 3.96 3.77
C VAL C 27 14.10 4.24 5.26
N TYR C 28 14.19 3.17 6.07
CA TYR C 28 14.38 3.26 7.51
C TYR C 28 15.86 3.46 7.88
N MET C 29 16.11 4.14 9.01
CA MET C 29 17.47 4.37 9.53
C MET C 29 17.81 3.27 10.57
N GLY C 30 18.69 2.34 10.17
CA GLY C 30 19.13 1.21 11.00
C GLY C 30 18.01 0.30 11.46
N ASP C 31 17.88 0.11 12.78
CA ASP C 31 16.82 -0.72 13.36
C ASP C 31 15.75 0.14 14.06
N THR C 32 15.69 1.44 13.73
CA THR C 32 14.73 2.38 14.33
C THR C 32 13.45 2.49 13.50
N ASP C 33 12.44 3.22 14.03
CA ASP C 33 11.18 3.48 13.33
C ASP C 33 11.28 4.79 12.52
N VAL C 34 12.50 5.36 12.41
CA VAL C 34 12.75 6.59 11.66
C VAL C 34 12.90 6.24 10.17
N TYR C 35 12.13 6.90 9.29
CA TYR C 35 12.25 6.65 7.86
C TYR C 35 12.02 7.90 7.03
N SER C 36 12.46 7.87 5.76
CA SER C 36 12.20 8.89 4.77
C SER C 36 11.55 8.21 3.56
N VAL C 37 10.63 8.91 2.88
CA VAL C 37 9.98 8.28 1.73
CA VAL C 37 9.91 8.37 1.72
C VAL C 37 10.66 8.74 0.43
N HIS C 38 10.90 7.74 -0.44
CA HIS C 38 11.57 7.92 -1.72
C HIS C 38 10.66 7.44 -2.83
N HIS C 39 10.82 8.04 -4.03
CA HIS C 39 9.92 7.86 -5.16
C HIS C 39 10.65 7.14 -6.27
N ILE C 40 10.25 5.89 -6.49
CA ILE C 40 10.91 5.03 -7.45
C ILE C 40 10.05 4.80 -8.71
N VAL C 41 10.71 4.83 -9.88
CA VAL C 41 10.07 4.49 -11.15
C VAL C 41 9.96 2.97 -11.15
N TRP C 42 8.74 2.46 -10.95
CA TRP C 42 8.53 1.02 -10.86
C TRP C 42 8.43 0.37 -12.25
N HIS C 43 7.85 1.06 -13.21
CA HIS C 43 7.63 0.49 -14.55
C HIS C 43 7.54 1.60 -15.55
N VAL C 44 8.06 1.35 -16.75
CA VAL C 44 7.99 2.30 -17.84
CA VAL C 44 7.96 2.31 -17.86
C VAL C 44 7.22 1.60 -18.99
N GLU C 45 6.09 2.19 -19.45
CA GLU C 45 5.28 1.53 -20.50
C GLU C 45 6.04 1.41 -21.81
N GLU C 46 6.06 0.21 -22.39
CA GLU C 46 6.69 -0.09 -23.67
C GLU C 46 6.09 0.80 -24.73
N GLY C 47 6.93 1.57 -25.43
CA GLY C 47 6.53 2.47 -26.49
C GLY C 47 5.92 3.77 -26.03
N GLY C 48 5.91 3.98 -24.70
CA GLY C 48 5.31 5.20 -24.15
C GLY C 48 6.25 6.39 -24.11
N PRO C 49 5.69 7.59 -23.80
CA PRO C 49 6.52 8.82 -23.77
C PRO C 49 7.73 8.72 -22.83
N ALA C 50 7.55 8.20 -21.61
CA ALA C 50 8.64 8.11 -20.60
C ALA C 50 9.77 7.20 -21.09
N GLN C 51 9.42 6.05 -21.70
CA GLN C 51 10.40 5.14 -22.27
C GLN C 51 11.22 5.80 -23.34
N GLU C 52 10.54 6.52 -24.27
CA GLU C 52 11.21 7.22 -25.35
C GLU C 52 12.16 8.31 -24.84
N ALA C 53 11.78 8.98 -23.74
CA ALA C 53 12.56 10.07 -23.14
C ALA C 53 13.80 9.56 -22.39
N GLY C 54 13.87 8.26 -22.13
CA GLY C 54 15.01 7.65 -21.46
C GLY C 54 14.80 7.29 -20.00
N LEU C 55 13.55 7.37 -19.51
CA LEU C 55 13.26 7.00 -18.13
C LEU C 55 13.29 5.48 -18.02
N CYS C 56 13.89 4.96 -16.94
CA CYS C 56 14.02 3.52 -16.74
C CYS C 56 13.42 3.08 -15.43
N ALA C 57 12.89 1.85 -15.40
CA ALA C 57 12.42 1.23 -14.18
C ALA C 57 13.63 1.07 -13.21
N GLY C 58 13.47 1.54 -11.99
CA GLY C 58 14.51 1.51 -10.98
C GLY C 58 15.07 2.90 -10.70
N ASP C 59 14.82 3.86 -11.61
CA ASP C 59 15.25 5.24 -11.40
C ASP C 59 14.54 5.83 -10.20
N LEU C 60 15.23 6.62 -9.41
CA LEU C 60 14.65 7.33 -8.29
C LEU C 60 14.45 8.76 -8.72
N ILE C 61 13.27 9.33 -8.45
CA ILE C 61 12.92 10.71 -8.79
CA ILE C 61 13.00 10.71 -8.83
C ILE C 61 13.35 11.61 -7.64
N THR C 62 14.26 12.57 -7.89
CA THR C 62 14.71 13.51 -6.86
C THR C 62 14.06 14.88 -7.04
N HIS C 63 13.67 15.23 -8.28
CA HIS C 63 13.07 16.53 -8.58
C HIS C 63 12.02 16.43 -9.67
N VAL C 64 10.99 17.27 -9.59
CA VAL C 64 9.94 17.41 -10.60
C VAL C 64 9.94 18.89 -10.98
N ASN C 65 10.33 19.20 -12.23
CA ASN C 65 10.46 20.57 -12.76
C ASN C 65 11.38 21.42 -11.84
N GLY C 66 12.51 20.81 -11.43
CA GLY C 66 13.51 21.45 -10.58
C GLY C 66 13.18 21.53 -9.10
N GLU C 67 11.95 21.15 -8.70
CA GLU C 67 11.48 21.19 -7.31
C GLU C 67 11.83 19.87 -6.59
N PRO C 68 12.61 19.90 -5.48
CA PRO C 68 12.98 18.64 -4.80
C PRO C 68 11.78 17.92 -4.17
N VAL C 69 11.78 16.58 -4.25
CA VAL C 69 10.68 15.75 -3.71
C VAL C 69 11.11 14.91 -2.47
N HIS C 70 12.39 14.98 -2.03
CA HIS C 70 12.92 14.18 -0.90
C HIS C 70 11.96 14.16 0.33
N GLY C 71 11.64 12.95 0.81
CA GLY C 71 10.77 12.71 1.96
C GLY C 71 9.31 13.11 1.83
N MET C 72 8.88 13.63 0.65
CA MET C 72 7.52 14.09 0.32
C MET C 72 6.58 12.91 0.18
N VAL C 73 5.26 13.11 0.31
CA VAL C 73 4.42 11.92 0.23
C VAL C 73 4.04 11.65 -1.23
N HIS C 74 3.76 10.38 -1.54
CA HIS C 74 3.39 9.92 -2.87
C HIS C 74 2.30 10.82 -3.55
N PRO C 75 1.11 11.11 -2.96
CA PRO C 75 0.11 11.93 -3.68
C PRO C 75 0.57 13.37 -4.00
N GLU C 76 1.50 13.92 -3.21
CA GLU C 76 2.06 15.26 -3.47
C GLU C 76 2.95 15.24 -4.72
N VAL C 77 3.76 14.16 -4.88
CA VAL C 77 4.63 14.03 -6.06
C VAL C 77 3.77 13.80 -7.31
N VAL C 78 2.72 12.98 -7.18
CA VAL C 78 1.78 12.69 -8.28
C VAL C 78 1.12 14.00 -8.73
N GLU C 79 0.73 14.86 -7.76
CA GLU C 79 0.11 16.16 -8.01
C GLU C 79 1.06 17.08 -8.78
N LEU C 80 2.37 17.10 -8.43
CA LEU C 80 3.37 17.91 -9.14
C LEU C 80 3.45 17.50 -10.63
N ILE C 81 3.45 16.19 -10.89
CA ILE C 81 3.50 15.67 -12.25
C ILE C 81 2.18 16.00 -12.98
N LEU C 82 1.03 15.82 -12.30
CA LEU C 82 -0.27 16.12 -12.90
C LEU C 82 -0.41 17.59 -13.27
N LYS C 83 -0.02 18.52 -12.38
CA LYS C 83 -0.15 19.96 -12.60
C LYS C 83 0.85 20.50 -13.64
N SER C 84 1.85 19.70 -14.05
CA SER C 84 2.86 20.10 -15.03
C SER C 84 2.29 20.21 -16.47
N GLY C 85 1.13 19.59 -16.73
CA GLY C 85 0.53 19.60 -18.04
C GLY C 85 1.10 18.53 -18.95
N ASN C 86 1.19 18.82 -20.28
CA ASN C 86 1.65 17.84 -21.28
C ASN C 86 3.20 17.75 -21.43
N LYS C 87 3.95 18.47 -20.60
CA LYS C 87 5.42 18.44 -20.57
C LYS C 87 5.87 18.46 -19.12
N VAL C 88 6.83 17.59 -18.76
CA VAL C 88 7.36 17.52 -17.41
C VAL C 88 8.86 17.22 -17.47
N ALA C 89 9.64 17.78 -16.54
CA ALA C 89 11.07 17.53 -16.42
C ALA C 89 11.33 16.80 -15.13
N VAL C 90 11.98 15.64 -15.18
CA VAL C 90 12.25 14.93 -13.92
C VAL C 90 13.75 14.75 -13.74
N THR C 91 14.20 14.94 -12.51
CA THR C 91 15.60 14.72 -12.19
C THR C 91 15.66 13.39 -11.50
N THR C 92 16.54 12.52 -11.97
CA THR C 92 16.66 11.18 -11.43
C THR C 92 18.07 10.86 -10.97
N THR C 93 18.21 9.74 -10.25
CA THR C 93 19.47 9.11 -9.90
C THR C 93 19.38 7.79 -10.67
N PRO C 94 20.42 7.44 -11.46
CA PRO C 94 20.33 6.25 -12.32
C PRO C 94 20.09 4.93 -11.59
N PHE C 95 19.36 4.04 -12.29
CA PHE C 95 19.08 2.69 -11.80
C PHE C 95 20.36 1.83 -11.91
N GLU C 96 20.66 1.09 -10.84
CA GLU C 96 21.81 0.19 -10.81
C GLU C 96 21.37 -1.08 -11.52
N ASN C 97 21.84 -1.26 -12.77
CA ASN C 97 21.49 -2.38 -13.66
C ASN C 97 21.72 -3.79 -13.05
N THR C 98 22.70 -3.93 -12.12
CA THR C 98 23.06 -5.22 -11.51
C THR C 98 21.85 -5.86 -10.77
N GLN C 99 21.63 -7.13 -11.06
CA GLN C 99 20.56 -7.91 -10.43
C GLN C 99 20.95 -9.37 -10.37
N SER C 100 20.39 -10.09 -9.38
CA SER C 100 20.63 -11.51 -9.24
C SER C 100 19.37 -12.22 -8.92
N LEU C 101 19.12 -13.33 -9.64
CA LEU C 101 17.99 -14.23 -9.38
C LEU C 101 18.48 -15.18 -8.32
N VAL C 102 17.83 -15.17 -7.16
CA VAL C 102 18.23 -15.93 -5.98
C VAL C 102 17.15 -16.99 -5.59
N SER D 4 -27.98 4.27 -3.83
CA SER D 4 -29.17 4.31 -4.72
C SER D 4 -30.27 5.16 -4.07
N MET D 5 -30.91 4.60 -3.02
CA MET D 5 -31.95 5.19 -2.21
C MET D 5 -31.39 5.81 -0.91
N ARG D 6 -30.06 5.68 -0.69
CA ARG D 6 -29.40 6.21 0.51
C ARG D 6 -29.26 7.73 0.38
N SER D 7 -29.49 8.49 1.49
CA SER D 7 -29.45 9.97 1.49
C SER D 7 -28.04 10.53 1.58
N PRO D 8 -27.65 11.46 0.67
CA PRO D 8 -26.27 11.97 0.73
C PRO D 8 -26.01 12.94 1.88
N ILE D 9 -24.75 13.00 2.29
CA ILE D 9 -24.25 13.92 3.32
C ILE D 9 -23.67 15.10 2.56
N THR D 10 -24.15 16.31 2.85
CA THR D 10 -23.63 17.51 2.21
C THR D 10 -22.60 18.15 3.13
N ILE D 11 -21.41 18.44 2.60
CA ILE D 11 -20.32 19.04 3.36
C ILE D 11 -19.94 20.37 2.70
N GLN D 12 -19.68 21.39 3.52
CA GLN D 12 -19.25 22.72 3.05
C GLN D 12 -17.94 23.10 3.70
N ARG D 13 -16.95 23.55 2.90
CA ARG D 13 -15.63 23.94 3.42
C ARG D 13 -15.33 25.42 3.22
N SER D 14 -14.57 26.02 4.17
CA SER D 14 -14.14 27.43 4.14
C SER D 14 -12.70 27.55 3.64
N GLY D 15 -11.97 26.47 3.78
CA GLY D 15 -10.58 26.38 3.35
C GLY D 15 -10.44 25.40 2.21
N LYS D 16 -9.23 24.89 2.03
CA LYS D 16 -8.87 23.97 0.94
C LYS D 16 -9.46 22.57 1.10
N LYS D 17 -9.65 22.09 2.34
CA LYS D 17 -10.08 20.71 2.53
C LYS D 17 -11.32 20.51 3.40
N TYR D 18 -11.98 19.39 3.14
CA TYR D 18 -13.19 18.95 3.85
C TYR D 18 -12.89 18.35 5.22
N GLY D 19 -11.63 17.99 5.47
CA GLY D 19 -11.28 17.43 6.77
C GLY D 19 -11.56 15.95 6.93
N PHE D 20 -11.29 15.17 5.88
CA PHE D 20 -11.38 13.70 5.98
C PHE D 20 -10.31 13.07 5.11
N THR D 21 -9.89 11.87 5.48
CA THR D 21 -8.89 11.08 4.78
C THR D 21 -9.58 9.94 4.07
N LEU D 22 -9.27 9.79 2.79
CA LEU D 22 -9.85 8.77 1.95
C LEU D 22 -8.80 7.74 1.66
N ARG D 23 -9.13 6.48 1.96
CA ARG D 23 -8.27 5.34 1.75
C ARG D 23 -8.89 4.42 0.70
N ALA D 24 -8.06 3.83 -0.17
CA ALA D 24 -8.60 2.89 -1.13
C ALA D 24 -8.41 1.48 -0.56
N ILE D 25 -9.43 0.63 -0.72
CA ILE D 25 -9.33 -0.76 -0.29
C ILE D 25 -9.64 -1.67 -1.49
N ARG D 26 -8.95 -2.78 -1.57
CA ARG D 26 -9.16 -3.75 -2.65
C ARG D 26 -10.10 -4.83 -2.17
N VAL D 27 -11.14 -5.07 -2.94
CA VAL D 27 -12.11 -6.10 -2.59
C VAL D 27 -11.98 -7.18 -3.68
N TYR D 28 -11.39 -8.33 -3.31
CA TYR D 28 -11.15 -9.44 -4.24
C TYR D 28 -12.38 -10.31 -4.39
N MET D 29 -12.54 -10.94 -5.57
CA MET D 29 -13.67 -11.84 -5.86
C MET D 29 -13.26 -13.29 -5.57
N GLY D 30 -13.79 -13.84 -4.46
CA GLY D 30 -13.52 -15.20 -4.01
C GLY D 30 -12.06 -15.46 -3.71
N ASP D 31 -11.47 -16.47 -4.35
CA ASP D 31 -10.06 -16.84 -4.18
C ASP D 31 -9.23 -16.45 -5.42
N THR D 32 -9.77 -15.55 -6.28
CA THR D 32 -9.09 -15.10 -7.51
C THR D 32 -8.26 -13.83 -7.29
N ASP D 33 -7.51 -13.41 -8.34
CA ASP D 33 -6.72 -12.17 -8.31
C ASP D 33 -7.56 -10.98 -8.85
N VAL D 34 -8.86 -11.22 -9.09
CA VAL D 34 -9.79 -10.20 -9.57
C VAL D 34 -10.25 -9.33 -8.40
N TYR D 35 -10.11 -7.99 -8.51
CA TYR D 35 -10.57 -7.11 -7.43
C TYR D 35 -11.15 -5.80 -7.95
N SER D 36 -11.94 -5.14 -7.10
CA SER D 36 -12.50 -3.83 -7.38
C SER D 36 -12.03 -2.90 -6.24
N VAL D 37 -11.76 -1.63 -6.58
CA VAL D 37 -11.29 -0.64 -5.60
C VAL D 37 -12.50 0.07 -4.99
N HIS D 38 -12.54 0.18 -3.65
CA HIS D 38 -13.58 0.86 -2.88
C HIS D 38 -12.94 1.90 -2.00
N HIS D 39 -13.70 2.93 -1.64
CA HIS D 39 -13.21 4.14 -1.02
C HIS D 39 -13.75 4.29 0.36
N ILE D 40 -12.88 4.13 1.33
CA ILE D 40 -13.29 4.17 2.74
C ILE D 40 -12.77 5.45 3.41
N VAL D 41 -13.60 6.03 4.29
CA VAL D 41 -13.24 7.18 5.13
C VAL D 41 -12.34 6.62 6.23
N TRP D 42 -11.08 6.88 6.11
CA TRP D 42 -10.11 6.35 7.04
C TRP D 42 -10.04 7.17 8.33
N HIS D 43 -10.27 8.48 8.23
CA HIS D 43 -10.18 9.40 9.36
C HIS D 43 -11.01 10.65 9.07
N VAL D 44 -11.64 11.19 10.11
CA VAL D 44 -12.41 12.42 10.03
CA VAL D 44 -12.38 12.44 10.01
C VAL D 44 -11.77 13.38 11.04
N GLU D 45 -11.34 14.56 10.59
CA GLU D 45 -10.68 15.48 11.51
C GLU D 45 -11.67 16.07 12.48
N GLU D 46 -11.32 16.00 13.77
N GLU D 46 -11.37 15.94 13.79
CA GLU D 46 -12.11 16.52 14.89
CA GLU D 46 -12.25 16.47 14.84
C GLU D 46 -12.33 18.03 14.70
C GLU D 46 -12.36 17.99 14.69
N GLY D 47 -13.60 18.47 14.64
CA GLY D 47 -13.93 19.89 14.48
C GLY D 47 -13.99 20.37 13.04
N GLY D 48 -13.67 19.48 12.10
CA GLY D 48 -13.67 19.84 10.69
C GLY D 48 -15.04 19.81 10.05
N PRO D 49 -15.13 20.31 8.79
CA PRO D 49 -16.42 20.31 8.08
C PRO D 49 -17.08 18.94 7.95
N ALA D 50 -16.30 17.88 7.61
CA ALA D 50 -16.83 16.51 7.42
C ALA D 50 -17.42 15.96 8.72
N GLN D 51 -16.71 16.16 9.84
CA GLN D 51 -17.19 15.71 11.15
C GLN D 51 -18.51 16.39 11.50
N GLU D 52 -18.60 17.72 11.29
CA GLU D 52 -19.80 18.50 11.57
C GLU D 52 -20.99 18.02 10.71
N ALA D 53 -20.72 17.62 9.45
CA ALA D 53 -21.76 17.15 8.50
C ALA D 53 -22.26 15.73 8.84
N GLY D 54 -21.56 15.01 9.72
CA GLY D 54 -21.94 13.66 10.13
C GLY D 54 -21.16 12.53 9.48
N LEU D 55 -20.08 12.83 8.78
CA LEU D 55 -19.25 11.79 8.17
C LEU D 55 -18.42 11.11 9.29
N CYS D 56 -18.32 9.78 9.25
CA CYS D 56 -17.60 8.99 10.27
C CYS D 56 -16.52 8.14 9.65
N ALA D 57 -15.43 7.92 10.42
CA ALA D 57 -14.36 7.00 9.99
C ALA D 57 -14.97 5.60 9.91
N GLY D 58 -14.73 4.93 8.79
CA GLY D 58 -15.28 3.60 8.57
C GLY D 58 -16.38 3.60 7.53
N ASP D 59 -16.98 4.79 7.26
CA ASP D 59 -17.98 4.92 6.20
C ASP D 59 -17.33 4.66 4.85
N LEU D 60 -18.01 3.95 3.96
CA LEU D 60 -17.49 3.82 2.60
C LEU D 60 -18.25 4.82 1.75
N ILE D 61 -17.57 5.49 0.82
CA ILE D 61 -18.22 6.46 -0.07
C ILE D 61 -18.60 5.72 -1.34
N THR D 62 -19.89 5.71 -1.67
CA THR D 62 -20.37 5.01 -2.87
C THR D 62 -20.61 5.99 -4.03
N HIS D 63 -20.86 7.28 -3.70
CA HIS D 63 -21.13 8.31 -4.71
C HIS D 63 -20.58 9.65 -4.30
N VAL D 64 -20.16 10.44 -5.30
CA VAL D 64 -19.69 11.82 -5.13
C VAL D 64 -20.57 12.65 -6.06
N ASN D 65 -21.42 13.52 -5.48
CA ASN D 65 -22.41 14.35 -6.19
C ASN D 65 -23.31 13.49 -7.10
N GLY D 66 -23.77 12.36 -6.56
CA GLY D 66 -24.63 11.40 -7.26
C GLY D 66 -23.97 10.48 -8.25
N GLU D 67 -22.65 10.66 -8.51
CA GLU D 67 -21.87 9.86 -9.47
C GLU D 67 -21.25 8.64 -8.77
N PRO D 68 -21.56 7.39 -9.20
CA PRO D 68 -20.99 6.21 -8.50
C PRO D 68 -19.48 6.11 -8.66
N VAL D 69 -18.79 5.70 -7.58
CA VAL D 69 -17.32 5.60 -7.57
C VAL D 69 -16.80 4.14 -7.53
N HIS D 70 -17.69 3.13 -7.38
CA HIS D 70 -17.31 1.70 -7.36
C HIS D 70 -16.37 1.40 -8.52
N GLY D 71 -15.14 1.02 -8.22
CA GLY D 71 -14.16 0.70 -9.25
C GLY D 71 -13.20 1.81 -9.64
N MET D 72 -13.65 3.13 -9.64
CA MET D 72 -12.79 4.31 -9.94
C MET D 72 -11.56 4.18 -9.09
N VAL D 73 -10.41 4.65 -9.56
CA VAL D 73 -9.17 4.58 -8.79
C VAL D 73 -9.14 5.77 -7.82
N HIS D 74 -8.35 5.65 -6.74
CA HIS D 74 -8.21 6.67 -5.70
C HIS D 74 -8.01 8.12 -6.28
N PRO D 75 -7.02 8.41 -7.18
CA PRO D 75 -6.86 9.80 -7.65
C PRO D 75 -8.04 10.36 -8.43
N GLU D 76 -8.85 9.48 -9.09
CA GLU D 76 -10.06 9.89 -9.81
C GLU D 76 -11.14 10.35 -8.83
N VAL D 77 -11.29 9.63 -7.70
CA VAL D 77 -12.29 10.01 -6.67
C VAL D 77 -11.87 11.31 -6.00
N VAL D 78 -10.56 11.45 -5.72
CA VAL D 78 -10.00 12.66 -5.10
C VAL D 78 -10.29 13.86 -6.03
N GLU D 79 -10.11 13.67 -7.35
CA GLU D 79 -10.36 14.69 -8.40
C GLU D 79 -11.84 15.10 -8.41
N LEU D 80 -12.79 14.13 -8.28
CA LEU D 80 -14.23 14.43 -8.23
C LEU D 80 -14.55 15.34 -7.05
N ILE D 81 -13.96 15.04 -5.88
CA ILE D 81 -14.16 15.83 -4.66
C ILE D 81 -13.52 17.22 -4.85
N LEU D 82 -12.29 17.26 -5.40
CA LEU D 82 -11.53 18.47 -5.67
C LEU D 82 -12.27 19.44 -6.63
N LYS D 83 -12.87 18.90 -7.72
CA LYS D 83 -13.54 19.70 -8.74
C LYS D 83 -14.95 20.17 -8.31
N SER D 84 -15.52 19.58 -7.23
CA SER D 84 -16.85 19.93 -6.73
C SER D 84 -16.95 21.39 -6.25
N GLY D 85 -15.83 21.93 -5.77
CA GLY D 85 -15.75 23.28 -5.23
C GLY D 85 -15.76 23.24 -3.71
N ASN D 86 -16.35 24.26 -3.09
CA ASN D 86 -16.47 24.40 -1.64
C ASN D 86 -17.72 23.69 -1.04
N LYS D 87 -18.47 22.94 -1.85
CA LYS D 87 -19.64 22.16 -1.42
C LYS D 87 -19.60 20.83 -2.14
N VAL D 88 -19.83 19.72 -1.43
CA VAL D 88 -19.83 18.38 -2.02
C VAL D 88 -20.90 17.54 -1.34
N ALA D 89 -21.53 16.64 -2.10
CA ALA D 89 -22.51 15.71 -1.58
C ALA D 89 -21.92 14.30 -1.69
N VAL D 90 -21.82 13.60 -0.57
CA VAL D 90 -21.26 12.25 -0.63
C VAL D 90 -22.33 11.28 -0.17
N THR D 91 -22.46 10.17 -0.88
CA THR D 91 -23.37 9.10 -0.50
C THR D 91 -22.53 8.03 0.15
N THR D 92 -22.94 7.56 1.33
CA THR D 92 -22.15 6.59 2.07
C THR D 92 -22.92 5.34 2.44
N THR D 93 -22.21 4.36 3.01
CA THR D 93 -22.77 3.15 3.61
C THR D 93 -23.59 3.59 4.81
N PRO D 94 -24.62 2.84 5.26
CA PRO D 94 -25.38 3.29 6.44
C PRO D 94 -24.51 3.33 7.69
N PHE D 95 -24.91 4.13 8.70
CA PHE D 95 -24.18 4.30 9.97
C PHE D 95 -23.78 2.95 10.63
N GLU D 96 -22.53 2.86 11.10
CA GLU D 96 -21.97 1.72 11.83
C GLU D 96 -21.09 2.23 12.96
N ASN D 97 -21.06 1.50 14.08
CA ASN D 97 -20.23 1.86 15.24
C ASN D 97 -19.77 0.57 15.98
N THR D 98 -19.88 -0.59 15.31
CA THR D 98 -19.50 -1.87 15.91
C THR D 98 -18.08 -2.28 15.46
N GLN D 99 -17.26 -2.63 16.44
CA GLN D 99 -15.87 -3.07 16.26
C GLN D 99 -15.47 -3.92 17.45
N SER D 100 -14.48 -4.79 17.27
CA SER D 100 -13.98 -5.63 18.36
C SER D 100 -12.48 -5.72 18.34
N LEU D 101 -11.87 -5.51 19.51
CA LEU D 101 -10.43 -5.64 19.70
C LEU D 101 -10.20 -7.10 19.99
N VAL D 102 -9.42 -7.77 19.15
CA VAL D 102 -9.18 -9.21 19.28
C VAL D 102 -7.68 -9.51 19.55
C1 EDO E . -1.57 -11.21 0.29
O1 EDO E . -2.68 -12.00 -0.15
C2 EDO E . -1.69 -10.99 1.78
O2 EDO E . -2.05 -9.63 2.06
C1 EDO F . -0.44 2.09 18.42
O1 EDO F . -0.53 1.45 17.13
C2 EDO F . -1.82 2.39 19.00
O2 EDO F . -2.30 1.27 19.77
N1 IMD G . 9.99 -4.67 -10.73
C2 IMD G . 9.95 -3.46 -11.25
N3 IMD G . 8.90 -3.37 -12.03
C4 IMD G . 8.21 -4.54 -12.01
C5 IMD G . 8.90 -5.35 -11.18
N1 IMD H . -8.48 4.59 10.71
C2 IMD H . -8.48 3.27 10.98
N3 IMD H . -7.41 2.99 11.72
C4 IMD H . -6.69 4.17 11.94
C5 IMD H . -7.38 5.19 11.29
N1 IMD I . -22.29 8.05 8.59
C2 IMD I . -22.83 7.23 7.70
N3 IMD I . -24.14 7.40 7.72
C4 IMD I . -24.45 8.34 8.66
C5 IMD I . -23.27 8.74 9.20
#